data_8DNL
#
_entry.id   8DNL
#
_cell.length_a   1.00
_cell.length_b   1.00
_cell.length_c   1.00
_cell.angle_alpha   90.00
_cell.angle_beta   90.00
_cell.angle_gamma   90.00
#
_symmetry.space_group_name_H-M   'P 1'
#
_entity_poly.entity_id   1
_entity_poly.type   'polypeptide(L)'
_entity_poly.pdbx_seq_one_letter_code
;MNNLHRELAPISEAAWKQIDDEARDTFSLRAAGRRVVDVPEPAGPTLGSVSLGHLETGSQTDGVQTSVYRVQPLVQVRVP
FTVSRADIDDVERGAVDLTWDPVDDAVAKLVDTEDTAILHGWEEAGITGLSEASVHQPVQMPAELEQIDDAVSGACNVLR
LADVEGPYDLVLPQQLYTQVSETTDHGVPVVDHLTQLLSGGEVLWAPAARCALVVSRRGGDSCLFLGRDVSIGYLSHDAQ
TVTLYLEESFTFRVHQPDAAVALV
;
_entity_poly.pdbx_strand_id   A
#
# COMPACT_ATOMS: atom_id res chain seq x y z
N ASN A 2 -18.20 -2.57 19.87
CA ASN A 2 -17.57 -2.10 18.63
C ASN A 2 -18.37 -2.66 17.49
N ASN A 3 -17.95 -2.33 16.28
CA ASN A 3 -18.58 -2.83 15.07
C ASN A 3 -17.93 -4.09 14.56
N LEU A 4 -16.82 -4.48 15.17
CA LEU A 4 -16.18 -5.75 14.95
C LEU A 4 -16.48 -6.61 16.17
N HIS A 5 -17.65 -7.23 16.17
CA HIS A 5 -18.08 -7.96 17.34
C HIS A 5 -17.26 -9.24 17.50
N ARG A 6 -16.14 -9.13 18.20
CA ARG A 6 -15.25 -10.27 18.43
C ARG A 6 -15.63 -11.05 19.67
N GLU A 7 -16.39 -10.44 20.58
CA GLU A 7 -16.85 -11.13 21.77
C GLU A 7 -17.84 -12.25 21.43
N LEU A 8 -18.49 -12.18 20.28
CA LEU A 8 -19.49 -13.15 19.88
C LEU A 8 -18.89 -14.26 19.02
N ALA A 9 -17.59 -14.40 19.04
CA ALA A 9 -16.90 -15.37 18.21
C ALA A 9 -16.49 -16.55 19.07
N PRO A 10 -16.54 -17.77 18.54
CA PRO A 10 -16.23 -18.95 19.36
C PRO A 10 -14.73 -19.24 19.48
N ILE A 11 -13.89 -18.24 19.21
CA ILE A 11 -12.43 -18.38 19.29
C ILE A 11 -11.96 -17.95 20.68
N SER A 12 -11.01 -18.71 21.25
CA SER A 12 -10.48 -18.46 22.58
C SER A 12 -9.54 -17.26 22.59
N GLU A 13 -9.20 -16.80 23.81
CA GLU A 13 -8.39 -15.59 23.94
C GLU A 13 -6.97 -15.82 23.43
N ALA A 14 -6.41 -16.99 23.71
CA ALA A 14 -5.08 -17.32 23.25
C ALA A 14 -5.04 -17.40 21.73
N ALA A 15 -6.07 -18.01 21.14
CA ALA A 15 -6.13 -18.08 19.69
C ALA A 15 -6.39 -16.71 19.08
N TRP A 16 -7.03 -15.80 19.81
CA TRP A 16 -7.19 -14.43 19.31
C TRP A 16 -5.84 -13.77 19.15
N LYS A 17 -4.98 -13.95 20.13
CA LYS A 17 -3.64 -13.38 20.07
C LYS A 17 -2.89 -13.92 18.87
N GLN A 18 -2.94 -15.23 18.65
CA GLN A 18 -2.19 -15.81 17.53
C GLN A 18 -2.72 -15.33 16.19
N ILE A 19 -4.04 -15.23 16.03
CA ILE A 19 -4.67 -14.73 14.77
C ILE A 19 -4.17 -13.30 14.52
N ASP A 20 -4.30 -12.40 15.50
CA ASP A 20 -3.92 -10.97 15.37
C ASP A 20 -2.44 -10.84 15.01
N ASP A 21 -1.56 -11.57 15.69
CA ASP A 21 -0.10 -11.50 15.44
C ASP A 21 0.18 -11.98 14.02
N GLU A 22 -0.47 -13.06 13.58
CA GLU A 22 -0.29 -13.59 12.20
C GLU A 22 -0.71 -12.51 11.21
N ALA A 23 -1.79 -11.78 11.49
CA ALA A 23 -2.29 -10.69 10.61
C ALA A 23 -1.30 -9.52 10.58
N ARG A 24 -0.68 -9.16 11.72
CA ARG A 24 0.23 -7.99 11.82
C ARG A 24 1.55 -8.21 11.06
N ASP A 25 2.39 -9.16 11.48
CA ASP A 25 3.69 -9.45 10.88
C ASP A 25 3.58 -9.54 9.36
N THR A 26 2.65 -10.35 8.85
CA THR A 26 2.55 -10.51 7.40
C THR A 26 2.25 -9.19 6.72
N PHE A 27 1.35 -8.39 7.30
CA PHE A 27 1.00 -7.11 6.68
C PHE A 27 2.19 -6.16 6.66
N SER A 28 2.95 -6.10 7.76
CA SER A 28 4.10 -5.21 7.79
C SER A 28 5.13 -5.62 6.74
N LEU A 29 5.36 -6.93 6.60
CA LEU A 29 6.31 -7.41 5.59
C LEU A 29 5.86 -7.06 4.19
N ARG A 30 4.60 -7.34 3.88
CA ARG A 30 4.13 -7.22 2.51
C ARG A 30 3.95 -5.76 2.11
N ALA A 31 3.58 -4.91 3.06
CA ALA A 31 3.28 -3.53 2.74
C ALA A 31 4.52 -2.80 2.23
N ALA A 32 4.47 -2.39 0.97
CA ALA A 32 5.55 -1.63 0.34
C ALA A 32 5.19 -0.19 0.06
N GLY A 33 4.05 0.05 -0.59
CA GLY A 33 3.64 1.42 -0.82
C GLY A 33 3.35 2.19 0.45
N ARG A 34 3.07 1.48 1.54
CA ARG A 34 2.86 2.12 2.84
C ARG A 34 4.14 2.75 3.38
N ARG A 35 5.30 2.34 2.85
CA ARG A 35 6.59 2.80 3.35
C ARG A 35 7.18 3.93 2.52
N VAL A 36 6.54 4.26 1.39
CA VAL A 36 7.02 5.32 0.47
C VAL A 36 6.08 6.51 0.55
N VAL A 37 4.83 6.32 0.99
CA VAL A 37 3.85 7.41 1.19
C VAL A 37 3.65 7.61 2.69
N ASP A 38 3.79 8.84 3.18
CA ASP A 38 3.63 9.14 4.63
C ASP A 38 2.17 8.85 5.00
N VAL A 39 1.92 8.33 6.20
CA VAL A 39 0.54 8.01 6.66
C VAL A 39 0.27 8.74 7.99
N PRO A 40 -0.68 9.70 8.07
CA PRO A 40 -1.04 10.37 9.33
C PRO A 40 -1.72 9.35 10.25
N GLU A 41 -1.75 9.60 11.56
CA GLU A 41 -2.34 8.65 12.54
C GLU A 41 -3.81 8.49 12.16
N PRO A 42 -4.41 7.28 12.24
CA PRO A 42 -5.76 7.10 11.71
C PRO A 42 -6.86 7.92 12.41
N ALA A 43 -7.78 8.50 11.64
CA ALA A 43 -8.90 9.33 12.15
C ALA A 43 -9.83 8.49 13.02
N GLY A 44 -10.11 7.25 12.64
CA GLY A 44 -11.11 6.39 13.32
C GLY A 44 -12.25 6.11 12.36
N PRO A 45 -13.32 5.39 12.75
CA PRO A 45 -14.39 5.04 11.80
C PRO A 45 -15.11 6.24 11.21
N THR A 46 -15.36 7.27 12.01
CA THR A 46 -16.22 8.38 11.63
C THR A 46 -15.56 9.40 10.71
N LEU A 47 -14.38 9.12 10.16
CA LEU A 47 -13.76 10.11 9.27
C LEU A 47 -14.66 10.42 8.09
N GLY A 48 -15.14 9.39 7.40
CA GLY A 48 -16.03 9.58 6.27
C GLY A 48 -15.32 10.04 5.01
N SER A 49 -14.77 11.25 5.06
CA SER A 49 -14.12 11.82 3.89
C SER A 49 -13.10 12.85 4.33
N VAL A 50 -12.21 13.21 3.41
CA VAL A 50 -11.19 14.23 3.65
C VAL A 50 -11.50 15.42 2.77
N SER A 51 -11.40 16.62 3.35
CA SER A 51 -11.83 17.85 2.69
C SER A 51 -10.71 18.42 1.82
N LEU A 52 -10.96 18.55 0.53
CA LEU A 52 -10.05 19.22 -0.39
C LEU A 52 -10.43 20.70 -0.49
N GLY A 53 -9.90 21.39 -1.49
CA GLY A 53 -10.19 22.79 -1.69
C GLY A 53 -11.60 23.02 -2.21
N HIS A 54 -11.89 24.29 -2.48
CA HIS A 54 -13.21 24.72 -2.91
C HIS A 54 -13.33 24.59 -4.43
N LEU A 55 -14.48 25.01 -4.96
CA LEU A 55 -14.73 24.98 -6.40
C LEU A 55 -15.93 25.85 -6.75
N GLU A 56 -15.70 26.90 -7.53
CA GLU A 56 -16.79 27.75 -7.99
C GLU A 56 -17.76 26.94 -8.86
N THR A 57 -19.07 27.02 -8.55
CA THR A 57 -20.04 26.33 -9.40
C THR A 57 -20.10 26.99 -10.77
N GLY A 58 -21.01 26.48 -11.60
CA GLY A 58 -21.19 27.04 -12.93
C GLY A 58 -21.81 28.43 -12.91
N SER A 59 -23.04 28.54 -12.42
CA SER A 59 -23.80 29.79 -12.49
C SER A 59 -23.82 30.45 -11.11
N GLN A 60 -23.05 31.52 -10.96
CA GLN A 60 -23.12 32.35 -9.74
C GLN A 60 -23.92 33.60 -10.08
N THR A 61 -25.24 33.44 -10.07
CA THR A 61 -26.16 34.46 -10.54
C THR A 61 -26.69 35.27 -9.36
N ASP A 62 -27.35 36.38 -9.69
CA ASP A 62 -27.99 37.22 -8.68
C ASP A 62 -26.97 37.85 -7.72
N GLY A 63 -25.74 38.02 -8.18
CA GLY A 63 -24.71 38.62 -7.34
C GLY A 63 -24.46 37.85 -6.05
N VAL A 64 -24.48 36.52 -6.12
CA VAL A 64 -24.21 35.65 -5.00
C VAL A 64 -23.02 34.75 -5.39
N GLN A 65 -22.40 34.13 -4.40
CA GLN A 65 -21.33 33.17 -4.63
C GLN A 65 -21.80 31.80 -4.18
N THR A 66 -21.34 30.76 -4.88
CA THR A 66 -21.79 29.40 -4.67
C THR A 66 -20.61 28.43 -4.63
N SER A 67 -19.56 28.79 -3.91
CA SER A 67 -18.37 27.94 -3.84
C SER A 67 -18.75 26.61 -3.19
N VAL A 68 -18.73 25.54 -3.97
CA VAL A 68 -19.06 24.20 -3.48
C VAL A 68 -17.79 23.53 -2.98
N TYR A 69 -17.90 22.83 -1.86
CA TYR A 69 -16.75 22.13 -1.30
C TYR A 69 -16.46 20.86 -2.11
N ARG A 70 -15.19 20.48 -2.11
CA ARG A 70 -14.75 19.23 -2.71
C ARG A 70 -14.29 18.30 -1.61
N VAL A 71 -14.77 17.06 -1.62
CA VAL A 71 -14.39 16.06 -0.63
C VAL A 71 -14.12 14.75 -1.32
N GLN A 72 -13.13 14.01 -0.83
CA GLN A 72 -12.83 12.68 -1.33
C GLN A 72 -13.32 11.66 -0.32
N PRO A 73 -14.32 10.83 -0.65
CA PRO A 73 -14.82 9.86 0.32
C PRO A 73 -13.88 8.68 0.47
N LEU A 74 -13.79 8.15 1.69
CA LEU A 74 -12.94 6.99 1.94
C LEU A 74 -13.58 5.73 1.38
N VAL A 75 -12.73 4.74 1.07
CA VAL A 75 -13.18 3.41 0.56
C VAL A 75 -12.97 2.45 1.71
N GLN A 76 -13.75 1.37 1.81
CA GLN A 76 -13.53 0.32 2.85
C GLN A 76 -13.27 -1.01 2.14
N VAL A 77 -12.20 -1.71 2.53
CA VAL A 77 -11.81 -3.01 1.91
C VAL A 77 -12.00 -4.12 2.94
N ARG A 78 -12.96 -5.01 2.73
CA ARG A 78 -13.24 -6.12 3.64
C ARG A 78 -12.87 -7.41 2.95
N VAL A 79 -12.01 -8.20 3.58
CA VAL A 79 -11.53 -9.47 3.03
C VAL A 79 -11.93 -10.58 4.00
N PRO A 80 -12.98 -11.33 3.71
CA PRO A 80 -13.36 -12.42 4.61
C PRO A 80 -12.45 -13.63 4.44
N PHE A 81 -12.26 -14.34 5.55
CA PHE A 81 -11.49 -15.58 5.56
C PHE A 81 -12.11 -16.52 6.59
N THR A 82 -11.76 -17.80 6.49
CA THR A 82 -12.34 -18.84 7.32
C THR A 82 -11.26 -19.64 8.03
N VAL A 83 -11.51 -19.98 9.29
CA VAL A 83 -10.59 -20.76 10.11
C VAL A 83 -11.35 -21.89 10.77
N SER A 84 -10.73 -23.07 10.82
CA SER A 84 -11.38 -24.25 11.37
C SER A 84 -11.44 -24.21 12.90
N ARG A 85 -12.54 -24.75 13.43
CA ARG A 85 -12.76 -24.72 14.86
C ARG A 85 -11.80 -25.62 15.59
N ALA A 86 -11.44 -26.76 14.99
CA ALA A 86 -10.49 -27.67 15.62
C ALA A 86 -9.11 -27.03 15.75
N ASP A 87 -8.67 -26.28 14.73
CA ASP A 87 -7.36 -25.58 14.77
C ASP A 87 -7.36 -24.59 15.93
N ILE A 88 -8.41 -23.79 16.06
CA ILE A 88 -8.52 -22.76 17.14
C ILE A 88 -8.53 -23.49 18.49
N ASP A 89 -9.23 -24.63 18.56
CA ASP A 89 -9.33 -25.44 19.81
C ASP A 89 -7.95 -25.97 20.23
N ASP A 90 -7.12 -26.39 19.27
CA ASP A 90 -5.80 -27.00 19.55
C ASP A 90 -4.88 -26.04 20.32
N VAL A 91 -5.08 -24.73 20.23
CA VAL A 91 -4.16 -23.73 20.84
C VAL A 91 -4.22 -23.79 22.37
N GLU A 92 -5.25 -24.41 22.94
CA GLU A 92 -5.42 -24.50 24.41
C GLU A 92 -4.69 -25.74 24.91
N ARG A 93 -4.55 -26.76 24.07
CA ARG A 93 -3.80 -27.99 24.42
C ARG A 93 -2.34 -27.73 24.03
N GLY A 94 -2.01 -26.51 23.60
CA GLY A 94 -0.65 -26.16 23.27
C GLY A 94 -0.09 -26.93 22.09
N ALA A 95 -0.90 -27.13 21.06
CA ALA A 95 -0.41 -27.75 19.84
C ALA A 95 0.71 -26.90 19.22
N VAL A 96 1.80 -27.56 18.83
CA VAL A 96 2.98 -26.85 18.35
C VAL A 96 3.01 -26.74 16.83
N ASP A 97 2.46 -27.73 16.14
CA ASP A 97 2.51 -27.78 14.69
C ASP A 97 1.41 -26.94 14.05
N LEU A 98 0.82 -26.02 14.80
CA LEU A 98 -0.28 -25.23 14.30
C LEU A 98 0.19 -24.20 13.30
N THR A 99 -0.69 -23.90 12.33
CA THR A 99 -0.40 -22.92 11.30
C THR A 99 -1.65 -22.11 10.99
N TRP A 100 -1.44 -20.92 10.45
CA TRP A 100 -2.51 -20.00 10.09
C TRP A 100 -2.23 -19.58 8.65
N ASP A 101 -2.57 -20.43 7.70
CA ASP A 101 -2.46 -20.12 6.28
C ASP A 101 -3.58 -19.21 5.80
N PRO A 102 -4.83 -19.42 6.23
CA PRO A 102 -5.91 -18.54 5.75
C PRO A 102 -5.69 -17.07 6.10
N VAL A 103 -5.16 -16.79 7.29
CA VAL A 103 -4.90 -15.40 7.67
C VAL A 103 -3.85 -14.79 6.74
N ASP A 104 -2.80 -15.56 6.41
CA ASP A 104 -1.79 -15.07 5.49
C ASP A 104 -2.39 -14.79 4.11
N ASP A 105 -3.26 -15.70 3.64
CA ASP A 105 -3.89 -15.48 2.34
C ASP A 105 -4.73 -14.22 2.34
N ALA A 106 -5.51 -14.01 3.40
CA ALA A 106 -6.32 -12.80 3.51
C ALA A 106 -5.46 -11.55 3.54
N VAL A 107 -4.36 -11.60 4.30
CA VAL A 107 -3.46 -10.45 4.38
C VAL A 107 -2.87 -10.16 3.01
N ALA A 108 -2.46 -11.20 2.29
CA ALA A 108 -1.90 -11.00 0.96
C ALA A 108 -2.93 -10.35 0.04
N LYS A 109 -4.17 -10.82 0.06
CA LYS A 109 -5.20 -10.24 -0.78
C LYS A 109 -5.41 -8.76 -0.45
N LEU A 110 -5.51 -8.44 0.84
CA LEU A 110 -5.79 -7.07 1.24
C LEU A 110 -4.63 -6.15 0.90
N VAL A 111 -3.40 -6.56 1.21
CA VAL A 111 -2.25 -5.71 0.94
C VAL A 111 -2.06 -5.54 -0.56
N ASP A 112 -2.37 -6.57 -1.36
CA ASP A 112 -2.24 -6.44 -2.80
C ASP A 112 -3.14 -5.32 -3.32
N THR A 113 -4.41 -5.34 -2.94
CA THR A 113 -5.30 -4.28 -3.43
C THR A 113 -4.94 -2.92 -2.85
N GLU A 114 -4.48 -2.85 -1.60
CA GLU A 114 -4.09 -1.57 -1.04
C GLU A 114 -2.89 -0.99 -1.78
N ASP A 115 -1.88 -1.82 -2.05
CA ASP A 115 -0.66 -1.33 -2.68
C ASP A 115 -0.91 -0.98 -4.14
N THR A 116 -1.72 -1.77 -4.84
CA THR A 116 -2.01 -1.41 -6.23
C THR A 116 -2.68 -0.06 -6.30
N ALA A 117 -3.59 0.24 -5.35
CA ALA A 117 -4.23 1.55 -5.36
C ALA A 117 -3.24 2.66 -5.01
N ILE A 118 -2.40 2.44 -4.00
CA ILE A 118 -1.48 3.51 -3.57
C ILE A 118 -0.48 3.82 -4.67
N LEU A 119 0.18 2.78 -5.22
CA LEU A 119 1.26 3.01 -6.16
C LEU A 119 0.75 3.47 -7.52
N HIS A 120 -0.31 2.83 -8.02
CA HIS A 120 -0.79 3.09 -9.38
C HIS A 120 -2.12 3.84 -9.39
N GLY A 121 -3.11 3.33 -8.68
CA GLY A 121 -4.41 3.96 -8.64
C GLY A 121 -5.52 2.94 -8.73
N TRP A 122 -6.73 3.37 -8.43
CA TRP A 122 -7.90 2.50 -8.49
C TRP A 122 -8.91 2.98 -9.52
N GLU A 123 -9.22 4.27 -9.55
CA GLU A 123 -10.09 4.90 -10.53
C GLU A 123 -11.54 4.48 -10.34
N GLU A 124 -11.84 3.62 -9.37
CA GLU A 124 -13.20 3.26 -9.01
C GLU A 124 -13.65 3.89 -7.71
N ALA A 125 -12.72 4.09 -6.77
CA ALA A 125 -12.97 4.83 -5.56
C ALA A 125 -12.52 6.28 -5.66
N GLY A 126 -12.03 6.71 -6.83
CA GLY A 126 -11.53 8.06 -7.01
C GLY A 126 -10.07 8.24 -6.66
N ILE A 127 -9.41 7.19 -6.17
CA ILE A 127 -8.01 7.28 -5.77
C ILE A 127 -7.13 7.26 -7.01
N THR A 128 -6.18 8.19 -7.06
CA THR A 128 -5.17 8.24 -8.12
C THR A 128 -3.81 8.04 -7.48
N GLY A 129 -3.04 7.09 -8.01
CA GLY A 129 -1.76 6.74 -7.44
C GLY A 129 -0.63 7.62 -7.92
N LEU A 130 0.56 7.35 -7.37
CA LEU A 130 1.74 8.11 -7.75
C LEU A 130 2.05 7.94 -9.22
N SER A 131 2.00 6.69 -9.71
CA SER A 131 2.40 6.38 -11.07
C SER A 131 1.48 7.01 -12.11
N GLU A 132 0.28 7.44 -11.72
CA GLU A 132 -0.66 8.06 -12.63
C GLU A 132 -0.78 9.57 -12.46
N ALA A 133 -0.54 10.09 -11.26
CA ALA A 133 -0.58 11.53 -11.06
C ALA A 133 0.70 12.21 -11.52
N SER A 134 1.79 11.48 -11.72
CA SER A 134 3.04 12.10 -12.12
C SER A 134 2.86 12.87 -13.43
N VAL A 135 3.45 14.07 -13.48
CA VAL A 135 3.44 14.88 -14.70
C VAL A 135 4.64 14.58 -15.60
N HIS A 136 5.72 14.04 -15.04
CA HIS A 136 6.90 13.71 -15.83
C HIS A 136 6.60 12.57 -16.79
N GLN A 137 7.21 12.61 -17.97
CA GLN A 137 7.05 11.53 -18.93
C GLN A 137 7.70 10.26 -18.38
N PRO A 138 7.12 9.09 -18.69
CA PRO A 138 7.71 7.85 -18.18
C PRO A 138 9.12 7.64 -18.72
N VAL A 139 9.98 7.08 -17.88
CA VAL A 139 11.36 6.79 -18.27
C VAL A 139 11.40 5.36 -18.81
N GLN A 140 11.59 5.22 -20.12
CA GLN A 140 11.60 3.89 -20.73
C GLN A 140 12.77 3.07 -20.21
N MET A 141 12.47 1.86 -19.74
CA MET A 141 13.51 0.96 -19.16
C MET A 141 14.10 0.10 -20.29
N PRO A 142 15.42 -0.12 -20.31
CA PRO A 142 16.04 -1.01 -21.30
C PRO A 142 15.60 -2.45 -21.11
N ALA A 143 15.55 -3.20 -22.21
CA ALA A 143 15.08 -4.59 -22.16
C ALA A 143 16.12 -5.54 -21.57
N GLU A 144 17.41 -5.19 -21.69
CA GLU A 144 18.46 -6.10 -21.24
C GLU A 144 18.49 -6.27 -19.73
N LEU A 145 18.16 -5.20 -18.99
CA LEU A 145 18.24 -5.19 -17.53
C LEU A 145 19.68 -5.08 -17.04
N GLU A 146 20.64 -5.15 -17.96
CA GLU A 146 22.02 -4.83 -17.62
C GLU A 146 22.25 -3.32 -17.63
N GLN A 147 21.23 -2.54 -18.01
CA GLN A 147 21.33 -1.09 -18.10
C GLN A 147 20.19 -0.40 -17.36
N ILE A 148 19.54 -1.09 -16.42
CA ILE A 148 18.51 -0.44 -15.62
C ILE A 148 19.08 0.76 -14.89
N ASP A 149 20.38 0.75 -14.63
CA ASP A 149 21.07 1.92 -14.10
C ASP A 149 20.91 3.15 -14.99
N ASP A 150 20.80 2.97 -16.29
CA ASP A 150 20.54 4.11 -17.17
C ASP A 150 19.18 4.72 -16.88
N ALA A 151 18.14 3.90 -16.78
CA ALA A 151 16.80 4.42 -16.48
C ALA A 151 16.76 5.07 -15.10
N VAL A 152 17.42 4.45 -14.12
CA VAL A 152 17.44 5.03 -12.78
C VAL A 152 18.13 6.38 -12.79
N SER A 153 19.25 6.49 -13.52
CA SER A 153 19.94 7.77 -13.61
C SER A 153 19.09 8.81 -14.33
N GLY A 154 18.36 8.39 -15.36
CA GLY A 154 17.46 9.32 -16.04
C GLY A 154 16.37 9.85 -15.12
N ALA A 155 15.77 8.96 -14.33
CA ALA A 155 14.78 9.39 -13.35
C ALA A 155 15.39 10.31 -12.30
N CYS A 156 16.61 9.98 -11.85
CA CYS A 156 17.29 10.82 -10.88
C CYS A 156 17.58 12.21 -11.44
N ASN A 157 17.95 12.27 -12.72
CA ASN A 157 18.20 13.55 -13.39
C ASN A 157 16.87 14.31 -13.51
N VAL A 158 15.76 13.63 -13.81
CA VAL A 158 14.48 14.30 -13.99
C VAL A 158 14.02 14.91 -12.69
N LEU A 159 14.18 14.17 -11.59
CA LEU A 159 13.79 14.70 -10.29
C LEU A 159 14.72 15.83 -9.86
N ARG A 160 16.02 15.70 -10.12
CA ARG A 160 17.02 16.71 -9.69
C ARG A 160 16.71 18.04 -10.37
N LEU A 161 16.48 18.05 -11.68
CA LEU A 161 16.22 19.28 -12.40
C LEU A 161 14.81 19.80 -12.18
N ALA A 162 14.07 19.19 -11.25
CA ALA A 162 12.74 19.63 -10.89
C ALA A 162 12.66 20.12 -9.45
N ASP A 163 13.80 20.25 -8.77
CA ASP A 163 13.93 20.70 -7.38
C ASP A 163 13.45 19.61 -6.42
N VAL A 164 13.24 18.39 -6.89
CA VAL A 164 12.95 17.28 -5.98
C VAL A 164 14.20 17.04 -5.13
N GLU A 165 14.00 16.95 -3.82
CA GLU A 165 15.15 16.83 -2.89
C GLU A 165 15.00 15.60 -2.00
N GLY A 166 16.07 15.23 -1.32
CA GLY A 166 16.12 14.10 -0.42
C GLY A 166 16.39 12.79 -1.16
N PRO A 167 16.53 11.68 -0.43
CA PRO A 167 16.83 10.42 -1.10
C PRO A 167 15.68 9.94 -1.97
N TYR A 168 16.03 9.47 -3.17
CA TYR A 168 15.09 8.94 -4.14
C TYR A 168 14.98 7.44 -3.89
N ASP A 169 13.77 6.95 -3.63
CA ASP A 169 13.55 5.52 -3.48
C ASP A 169 13.03 4.89 -4.75
N LEU A 170 13.46 3.66 -4.97
CA LEU A 170 13.13 2.89 -6.15
C LEU A 170 12.25 1.72 -5.75
N VAL A 171 11.08 1.61 -6.39
CA VAL A 171 10.16 0.52 -6.16
C VAL A 171 10.10 -0.30 -7.43
N LEU A 172 10.39 -1.60 -7.30
CA LEU A 172 10.44 -2.54 -8.39
C LEU A 172 9.54 -3.74 -8.08
N PRO A 173 9.24 -4.57 -9.09
CA PRO A 173 8.57 -5.84 -8.82
C PRO A 173 9.54 -7.02 -8.55
N GLN A 174 9.04 -8.08 -7.91
CA GLN A 174 9.87 -9.28 -7.58
C GLN A 174 10.23 -10.03 -8.88
N GLN A 175 9.47 -9.82 -9.94
CA GLN A 175 9.82 -10.44 -11.25
C GLN A 175 11.14 -9.83 -11.71
N LEU A 176 11.23 -8.51 -11.67
CA LEU A 176 12.51 -7.82 -12.01
C LEU A 176 13.55 -8.32 -11.01
N TYR A 177 13.21 -8.54 -9.74
CA TYR A 177 14.20 -9.13 -8.80
C TYR A 177 14.83 -10.40 -9.37
N THR A 178 14.02 -11.38 -9.74
CA THR A 178 14.54 -12.66 -10.27
C THR A 178 15.33 -12.39 -11.55
N GLN A 179 14.86 -11.49 -12.40
CA GLN A 179 15.52 -11.19 -13.71
C GLN A 179 16.90 -10.58 -13.46
N VAL A 180 17.09 -9.88 -12.34
CA VAL A 180 18.37 -9.19 -11.99
C VAL A 180 19.35 -10.17 -11.38
N SER A 181 18.88 -11.25 -10.76
CA SER A 181 19.74 -12.28 -10.10
C SER A 181 20.41 -13.16 -11.16
N GLU A 182 20.22 -12.87 -12.44
CA GLU A 182 20.87 -13.61 -13.54
C GLU A 182 21.66 -12.61 -14.38
N THR A 183 22.22 -11.57 -13.75
CA THR A 183 23.00 -10.51 -14.44
C THR A 183 24.38 -10.34 -13.79
N THR A 184 25.45 -10.85 -14.40
CA THR A 184 26.84 -10.68 -13.88
C THR A 184 27.01 -11.46 -12.58
N ASP A 185 27.46 -10.83 -11.50
CA ASP A 185 27.71 -11.50 -10.21
C ASP A 185 26.40 -11.59 -9.44
N HIS A 186 25.36 -12.20 -10.01
CA HIS A 186 24.06 -12.42 -9.33
C HIS A 186 23.44 -11.08 -8.95
N GLY A 187 23.61 -10.05 -9.77
CA GLY A 187 22.94 -8.75 -9.59
C GLY A 187 23.41 -8.03 -8.34
N VAL A 188 24.50 -8.49 -7.70
CA VAL A 188 25.08 -7.77 -6.53
C VAL A 188 25.70 -6.47 -7.06
N PRO A 189 26.42 -6.44 -8.20
CA PRO A 189 27.07 -5.21 -8.65
C PRO A 189 26.05 -4.17 -9.14
N VAL A 190 25.10 -4.58 -9.98
CA VAL A 190 24.06 -3.67 -10.55
C VAL A 190 23.28 -3.03 -9.41
N VAL A 191 22.84 -3.82 -8.42
CA VAL A 191 22.03 -3.31 -7.27
C VAL A 191 22.89 -2.29 -6.51
N ASP A 192 24.16 -2.60 -6.27
CA ASP A 192 25.08 -1.69 -5.54
C ASP A 192 25.18 -0.37 -6.29
N HIS A 193 25.36 -0.42 -7.62
CA HIS A 193 25.46 0.80 -8.46
C HIS A 193 24.17 1.60 -8.35
N LEU A 194 23.01 0.95 -8.40
CA LEU A 194 21.70 1.63 -8.32
C LEU A 194 21.56 2.30 -6.95
N THR A 195 22.06 1.66 -5.88
CA THR A 195 21.98 2.20 -4.50
C THR A 195 22.75 3.53 -4.42
N GLN A 196 23.86 3.66 -5.16
CA GLN A 196 24.62 4.90 -5.21
C GLN A 196 23.89 5.98 -6.01
N LEU A 197 23.25 5.59 -7.10
CA LEU A 197 22.54 6.58 -7.94
C LEU A 197 21.36 7.19 -7.19
N LEU A 198 20.76 6.45 -6.26
CA LEU A 198 19.56 6.91 -5.58
C LEU A 198 19.82 7.96 -4.50
N SER A 199 21.01 8.53 -4.43
CA SER A 199 21.32 9.60 -3.47
C SER A 199 21.02 9.15 -2.03
N GLY A 200 21.49 7.95 -1.70
CA GLY A 200 21.35 7.44 -0.35
C GLY A 200 20.06 6.69 -0.09
N GLY A 201 19.18 6.57 -1.07
CA GLY A 201 17.93 5.86 -0.87
C GLY A 201 18.09 4.36 -1.09
N GLU A 202 17.10 3.62 -0.59
CA GLU A 202 17.10 2.17 -0.68
C GLU A 202 16.32 1.70 -1.90
N VAL A 203 16.50 0.43 -2.24
CA VAL A 203 15.76 -0.23 -3.31
C VAL A 203 14.76 -1.17 -2.66
N LEU A 204 13.47 -0.95 -2.94
CA LEU A 204 12.39 -1.70 -2.31
C LEU A 204 11.79 -2.66 -3.31
N TRP A 205 11.78 -3.95 -2.97
CA TRP A 205 11.11 -4.96 -3.77
C TRP A 205 9.70 -5.15 -3.22
N ALA A 206 8.69 -4.84 -4.05
CA ALA A 206 7.30 -4.87 -3.64
C ALA A 206 6.58 -6.03 -4.30
N PRO A 207 6.26 -7.12 -3.58
CA PRO A 207 5.52 -8.21 -4.23
C PRO A 207 4.16 -7.78 -4.74
N ALA A 208 3.50 -6.85 -4.07
CA ALA A 208 2.18 -6.40 -4.49
C ALA A 208 2.24 -5.48 -5.70
N ALA A 209 3.36 -4.80 -5.92
CA ALA A 209 3.47 -3.85 -7.03
C ALA A 209 3.64 -4.59 -8.35
N ARG A 210 3.15 -3.96 -9.42
CA ARG A 210 3.33 -4.48 -10.77
C ARG A 210 3.85 -3.40 -11.72
N CYS A 211 4.43 -2.33 -11.19
CA CYS A 211 5.01 -1.27 -12.01
C CYS A 211 6.20 -0.69 -11.27
N ALA A 212 7.14 -0.15 -12.04
CA ALA A 212 8.37 0.41 -11.49
C ALA A 212 8.25 1.93 -11.44
N LEU A 213 8.70 2.51 -10.34
CA LEU A 213 8.69 3.97 -10.24
C LEU A 213 9.73 4.43 -9.22
N VAL A 214 10.05 5.71 -9.29
CA VAL A 214 10.98 6.36 -8.37
C VAL A 214 10.22 7.47 -7.65
N VAL A 215 10.29 7.44 -6.32
CA VAL A 215 9.55 8.38 -5.48
C VAL A 215 10.51 8.99 -4.47
N SER A 216 10.44 10.32 -4.31
CA SER A 216 11.26 10.98 -3.31
C SER A 216 10.74 10.68 -1.92
N ARG A 217 11.65 10.53 -0.96
CA ARG A 217 11.29 10.22 0.42
C ARG A 217 11.34 11.43 1.34
N ARG A 218 11.45 12.64 0.78
CA ARG A 218 11.53 13.83 1.62
C ARG A 218 10.27 14.00 2.46
N GLY A 219 9.13 13.48 2.01
CA GLY A 219 7.90 13.56 2.76
C GLY A 219 7.08 14.80 2.40
N GLY A 220 5.78 14.69 2.65
CA GLY A 220 4.85 15.77 2.40
C GLY A 220 4.28 15.81 1.00
N ASP A 221 4.81 15.00 0.07
CA ASP A 221 4.30 14.99 -1.29
C ASP A 221 2.99 14.23 -1.43
N SER A 222 2.77 13.22 -0.59
CA SER A 222 1.52 12.47 -0.62
C SER A 222 1.23 11.93 0.76
N CYS A 223 -0.04 11.67 1.02
CA CYS A 223 -0.45 11.15 2.32
C CYS A 223 -1.50 10.06 2.15
N LEU A 224 -1.51 9.15 3.11
CA LEU A 224 -2.46 8.03 3.17
C LEU A 224 -3.37 8.25 4.36
N PHE A 225 -4.63 8.59 4.09
CA PHE A 225 -5.62 8.86 5.13
C PHE A 225 -6.42 7.59 5.38
N LEU A 226 -6.35 7.08 6.60
CA LEU A 226 -7.01 5.83 6.96
C LEU A 226 -7.79 6.03 8.25
N GLY A 227 -9.00 5.49 8.28
CA GLY A 227 -9.84 5.58 9.46
C GLY A 227 -9.65 4.39 10.39
N ARG A 228 -9.55 3.20 9.81
CA ARG A 228 -9.39 1.97 10.57
C ARG A 228 -8.23 1.17 9.99
N ASP A 229 -7.20 0.94 10.79
CA ASP A 229 -6.12 0.05 10.38
C ASP A 229 -6.71 -1.35 10.19
N VAL A 230 -5.94 -2.23 9.52
CA VAL A 230 -6.49 -3.56 9.23
C VAL A 230 -6.84 -4.23 10.55
N SER A 231 -8.07 -4.77 10.63
CA SER A 231 -8.58 -5.35 11.87
C SER A 231 -9.33 -6.63 11.56
N ILE A 232 -9.36 -7.54 12.54
CA ILE A 232 -10.03 -8.83 12.39
C ILE A 232 -11.41 -8.72 13.02
N GLY A 233 -12.45 -8.98 12.23
CA GLY A 233 -13.81 -8.98 12.69
C GLY A 233 -14.43 -10.37 12.66
N TYR A 234 -15.75 -10.39 12.84
CA TYR A 234 -16.53 -11.62 12.91
C TYR A 234 -17.77 -11.51 12.03
N LEU A 235 -18.10 -12.60 11.33
CA LEU A 235 -19.31 -12.69 10.54
C LEU A 235 -20.29 -13.73 11.07
N SER A 236 -19.84 -14.96 11.23
CA SER A 236 -20.68 -16.06 11.69
C SER A 236 -19.78 -17.22 12.06
N HIS A 237 -20.39 -18.28 12.59
CA HIS A 237 -19.68 -19.50 12.93
C HIS A 237 -20.53 -20.69 12.54
N ASP A 238 -19.87 -21.82 12.32
CA ASP A 238 -20.50 -23.06 11.94
C ASP A 238 -20.20 -24.13 12.98
N ALA A 239 -20.73 -25.33 12.77
CA ALA A 239 -20.47 -26.42 13.71
C ALA A 239 -18.98 -26.71 13.83
N GLN A 240 -18.22 -26.50 12.74
CA GLN A 240 -16.79 -26.76 12.76
C GLN A 240 -16.00 -25.68 12.01
N THR A 241 -16.53 -24.46 11.93
CA THR A 241 -15.86 -23.41 11.18
C THR A 241 -16.24 -22.05 11.74
N VAL A 242 -15.32 -21.10 11.63
CA VAL A 242 -15.53 -19.71 12.03
C VAL A 242 -15.10 -18.81 10.88
N THR A 243 -15.91 -17.80 10.60
CA THR A 243 -15.64 -16.86 9.51
C THR A 243 -15.35 -15.47 10.06
N LEU A 244 -14.18 -14.94 9.68
CA LEU A 244 -13.75 -13.62 10.09
C LEU A 244 -13.47 -12.77 8.85
N TYR A 245 -12.95 -11.56 9.05
CA TYR A 245 -12.58 -10.73 7.91
C TYR A 245 -11.55 -9.70 8.34
N LEU A 246 -10.76 -9.21 7.38
CA LEU A 246 -9.75 -8.14 7.62
C LEU A 246 -10.34 -6.83 7.09
N GLU A 247 -10.61 -5.84 7.95
CA GLU A 247 -11.30 -4.60 7.55
C GLU A 247 -10.37 -3.39 7.63
N GLU A 248 -10.30 -2.58 6.58
CA GLU A 248 -9.45 -1.36 6.55
C GLU A 248 -10.06 -0.28 5.66
N SER A 249 -10.28 0.93 6.18
CA SER A 249 -10.82 2.06 5.45
C SER A 249 -9.71 3.06 5.19
N PHE A 250 -9.40 3.34 3.91
CA PHE A 250 -8.25 4.22 3.55
C PHE A 250 -8.57 5.05 2.31
N THR A 251 -7.71 6.02 1.98
CA THR A 251 -7.85 6.88 0.77
C THR A 251 -6.49 7.54 0.53
N PHE A 252 -6.05 7.68 -0.72
CA PHE A 252 -4.70 8.24 -1.05
C PHE A 252 -4.85 9.54 -1.84
N ARG A 253 -4.15 10.60 -1.42
CA ARG A 253 -4.20 11.93 -2.11
C ARG A 253 -2.77 12.38 -2.42
N VAL A 254 -2.46 12.63 -3.69
CA VAL A 254 -1.10 13.11 -4.13
C VAL A 254 -1.15 14.63 -4.23
N HIS A 255 -0.41 15.36 -3.38
CA HIS A 255 -0.41 16.81 -3.35
C HIS A 255 0.56 17.41 -4.37
N GLN A 256 1.76 16.83 -4.50
CA GLN A 256 2.81 17.35 -5.37
C GLN A 256 3.21 16.26 -6.36
N PRO A 257 2.62 16.25 -7.56
CA PRO A 257 2.90 15.16 -8.51
C PRO A 257 4.29 15.21 -9.14
N ASP A 258 5.15 16.13 -8.73
CA ASP A 258 6.48 16.23 -9.30
C ASP A 258 7.50 15.29 -8.66
N ALA A 259 7.14 14.67 -7.54
CA ALA A 259 8.10 13.88 -6.76
C ALA A 259 8.13 12.41 -7.15
N ALA A 260 7.35 12.00 -8.14
CA ALA A 260 7.31 10.60 -8.57
C ALA A 260 7.38 10.52 -10.08
N VAL A 261 8.19 9.58 -10.57
CA VAL A 261 8.36 9.33 -12.00
C VAL A 261 8.30 7.82 -12.24
N ALA A 262 7.51 7.41 -13.23
CA ALA A 262 7.32 6.00 -13.52
C ALA A 262 8.31 5.52 -14.59
N LEU A 263 8.75 4.26 -14.44
CA LEU A 263 9.75 3.65 -15.30
C LEU A 263 9.14 2.47 -16.05
N VAL A 264 8.85 2.67 -17.33
CA VAL A 264 8.04 1.71 -18.09
C VAL A 264 8.25 1.93 -19.57
#